data_6M1J
#
_entry.id   6M1J
#
_cell.length_a   145.216
_cell.length_b   160.743
_cell.length_c   41.421
_cell.angle_alpha   90.000
_cell.angle_beta   90.000
_cell.angle_gamma   90.000
#
_symmetry.space_group_name_H-M   'C 2 2 2'
#
loop_
_entity.id
_entity.type
_entity.pdbx_description
1 polymer 'DNA gyrase subunit B'
2 non-polymer 'DIMETHYL SULFOXIDE'
3 non-polymer 'SULFATE ION'
4 non-polymer 'SODIUM ION'
5 non-polymer '1-[5-[6-fluoranyl-8-(methylamino)-4-[3-(trifluoromethyl)pyrazol-1-yl]-9H-pyrido[2,3-b]indol-3-yl]pyrimidin-2-yl]cyclopropane-1-carboxylic acid'
6 water water
#
_entity_poly.entity_id   1
_entity_poly.type   'polypeptide(L)'
_entity_poly.pdbx_seq_one_letter_code
;MGLDAVRKRPGMYIGDTDDGTGLHHMVFEVVDNSIDEALAGYCSEISITIHTDESITVRDNGRGIPVDIHKEEGVSAAEV
IMTVLHAGGKFDDNTYKVSGGLHGVGVSVVNALSHELRLTIRRHNKVWEQVYHHGVPQFPLREVGETDGSGTEVHFKPSP
ETFSNIHFSWDILAKRIRELSFLNSGVGILLRDERTGKEELFKYEGLEHHHHHH
;
_entity_poly.pdbx_strand_id   A,B
#
# COMPACT_ATOMS: atom_id res chain seq x y z
N GLY A 2 -9.30 2.99 -2.22
CA GLY A 2 -8.46 3.66 -3.20
C GLY A 2 -8.39 5.16 -3.02
N LEU A 3 -7.88 5.85 -4.04
CA LEU A 3 -7.72 7.30 -3.95
C LEU A 3 -9.05 8.05 -3.89
N ASP A 4 -10.15 7.42 -4.33
CA ASP A 4 -11.45 8.07 -4.28
C ASP A 4 -11.82 8.48 -2.86
N ALA A 5 -11.50 7.64 -1.88
CA ALA A 5 -11.77 7.99 -0.48
C ALA A 5 -10.98 9.22 -0.04
N VAL A 6 -9.74 9.36 -0.54
CA VAL A 6 -8.95 10.55 -0.24
C VAL A 6 -9.65 11.79 -0.80
N ARG A 7 -10.14 11.71 -2.03
N ARG A 7 -10.14 11.70 -2.03
CA ARG A 7 -10.83 12.86 -2.61
CA ARG A 7 -10.83 12.85 -2.62
C ARG A 7 -12.09 13.19 -1.82
C ARG A 7 -12.12 13.17 -1.90
N LYS A 8 -12.72 12.19 -1.21
CA LYS A 8 -13.99 12.41 -0.51
C LYS A 8 -13.77 13.00 0.87
N ARG A 9 -12.71 12.61 1.57
CA ARG A 9 -12.40 13.11 2.91
C ARG A 9 -10.96 13.61 2.96
N PRO A 10 -10.62 14.65 2.18
CA PRO A 10 -9.20 15.02 2.04
C PRO A 10 -8.53 15.44 3.33
N GLY A 11 -9.18 16.25 4.16
CA GLY A 11 -8.53 16.73 5.38
C GLY A 11 -8.08 15.60 6.29
N MET A 12 -8.78 14.47 6.24
CA MET A 12 -8.40 13.29 7.00
C MET A 12 -7.02 12.77 6.57
N TYR A 13 -6.63 13.01 5.32
CA TYR A 13 -5.38 12.43 4.83
C TYR A 13 -4.26 13.44 4.76
N ILE A 14 -4.54 14.66 4.30
CA ILE A 14 -3.50 15.65 4.04
C ILE A 14 -3.44 16.74 5.12
N GLY A 15 -4.44 16.83 5.99
CA GLY A 15 -4.55 17.92 6.93
C GLY A 15 -5.64 18.90 6.51
N ASP A 16 -5.91 19.85 7.40
CA ASP A 16 -7.02 20.79 7.20
C ASP A 16 -6.90 21.50 5.87
N THR A 17 -7.92 21.35 5.02
CA THR A 17 -7.83 21.93 3.68
C THR A 17 -8.21 23.40 3.65
N ASP A 18 -8.65 23.97 4.77
CA ASP A 18 -9.10 25.35 4.81
C ASP A 18 -8.18 26.31 5.56
N ASP A 19 -7.25 25.82 6.39
CA ASP A 19 -6.45 26.75 7.19
C ASP A 19 -5.00 26.83 6.72
N GLY A 20 -4.69 26.29 5.55
CA GLY A 20 -3.35 26.31 4.99
C GLY A 20 -2.53 25.08 5.31
N THR A 21 -2.96 24.27 6.29
CA THR A 21 -2.19 23.10 6.70
C THR A 21 -2.11 22.09 5.57
N GLY A 22 -3.26 21.71 5.03
CA GLY A 22 -3.28 20.69 4.00
C GLY A 22 -2.54 21.10 2.74
N LEU A 23 -2.72 22.35 2.30
CA LEU A 23 -2.05 22.81 1.09
C LEU A 23 -0.54 22.69 1.20
N HIS A 24 0.03 23.13 2.33
CA HIS A 24 1.48 23.08 2.45
C HIS A 24 1.96 21.68 2.77
N HIS A 25 1.15 20.86 3.44
CA HIS A 25 1.46 19.44 3.55
C HIS A 25 1.64 18.78 2.19
N MET A 26 0.92 19.27 1.15
CA MET A 26 1.14 18.71 -0.19
C MET A 26 2.62 18.80 -0.57
N VAL A 27 3.23 19.94 -0.33
CA VAL A 27 4.65 20.11 -0.64
C VAL A 27 5.49 19.21 0.27
N PHE A 28 5.19 19.25 1.57
CA PHE A 28 6.09 18.59 2.50
C PHE A 28 6.08 17.07 2.34
N GLU A 29 4.93 16.50 1.94
CA GLU A 29 4.88 15.05 1.65
C GLU A 29 5.78 14.69 0.46
N VAL A 30 5.75 15.48 -0.60
CA VAL A 30 6.61 15.19 -1.75
C VAL A 30 8.07 15.36 -1.36
N VAL A 31 8.39 16.50 -0.74
CA VAL A 31 9.77 16.81 -0.34
C VAL A 31 10.34 15.74 0.56
N ASP A 32 9.52 15.14 1.43
CA ASP A 32 10.04 14.16 2.37
C ASP A 32 10.77 13.03 1.65
N ASN A 33 10.32 12.68 0.45
CA ASN A 33 10.97 11.64 -0.34
C ASN A 33 12.37 12.05 -0.77
N SER A 34 12.55 13.33 -1.11
CA SER A 34 13.88 13.83 -1.46
C SER A 34 14.77 13.89 -0.23
N ILE A 35 14.18 14.26 0.91
CA ILE A 35 14.92 14.26 2.17
C ILE A 35 15.37 12.85 2.53
N ASP A 36 14.50 11.85 2.39
CA ASP A 36 14.92 10.47 2.63
C ASP A 36 16.08 10.07 1.73
N GLU A 37 16.06 10.56 0.49
CA GLU A 37 17.10 10.22 -0.47
C GLU A 37 18.43 10.90 -0.11
N ALA A 38 18.36 12.09 0.48
CA ALA A 38 19.54 12.76 1.01
C ALA A 38 20.06 12.05 2.26
N LEU A 39 19.16 11.65 3.16
CA LEU A 39 19.59 10.91 4.32
C LEU A 39 20.28 9.59 3.92
N ALA A 40 19.79 8.95 2.87
CA ALA A 40 20.40 7.73 2.35
C ALA A 40 21.75 7.97 1.69
N GLY A 41 22.10 9.22 1.42
CA GLY A 41 23.40 9.56 0.86
C GLY A 41 23.46 9.69 -0.64
N TYR A 42 22.32 9.75 -1.33
CA TYR A 42 22.29 9.77 -2.78
C TYR A 42 21.85 11.10 -3.39
N CYS A 43 21.41 12.05 -2.59
CA CYS A 43 20.88 13.31 -3.10
C CYS A 43 21.63 14.46 -2.43
N SER A 44 22.15 15.38 -3.23
CA SER A 44 22.84 16.54 -2.68
C SER A 44 22.18 17.86 -3.03
N GLU A 45 21.16 17.87 -3.91
CA GLU A 45 20.46 19.09 -4.29
C GLU A 45 18.97 18.81 -4.37
N ILE A 46 18.18 19.70 -3.77
CA ILE A 46 16.72 19.67 -3.83
C ILE A 46 16.26 21.06 -4.21
N SER A 47 15.26 21.17 -5.08
CA SER A 47 14.64 22.47 -5.34
C SER A 47 13.14 22.33 -5.25
N ILE A 48 12.50 23.42 -4.80
CA ILE A 48 11.05 23.54 -4.68
C ILE A 48 10.70 24.83 -5.35
N THR A 49 9.86 24.76 -6.39
CA THR A 49 9.52 25.93 -7.18
C THR A 49 8.02 26.15 -7.13
N ILE A 50 7.61 27.36 -6.74
CA ILE A 50 6.21 27.78 -6.83
C ILE A 50 6.02 28.47 -8.17
N HIS A 51 5.12 27.95 -8.98
CA HIS A 51 4.88 28.55 -10.28
C HIS A 51 3.76 29.58 -10.19
N THR A 52 3.65 30.41 -11.23
CA THR A 52 2.67 31.49 -11.16
C THR A 52 1.25 30.97 -11.09
N ASP A 53 1.00 29.73 -11.49
CA ASP A 53 -0.35 29.18 -11.39
C ASP A 53 -0.58 28.45 -10.08
N GLU A 54 0.32 28.67 -9.10
CA GLU A 54 0.27 28.04 -7.78
C GLU A 54 0.44 26.53 -7.85
N SER A 55 1.01 26.02 -8.94
CA SER A 55 1.50 24.64 -8.93
C SER A 55 2.93 24.62 -8.36
N ILE A 56 3.42 23.41 -8.09
CA ILE A 56 4.69 23.21 -7.37
C ILE A 56 5.54 22.21 -8.15
N THR A 57 6.83 22.51 -8.31
CA THR A 57 7.76 21.47 -8.78
C THR A 57 8.78 21.18 -7.68
N VAL A 58 8.89 19.91 -7.32
CA VAL A 58 9.94 19.43 -6.44
C VAL A 58 10.88 18.60 -7.29
N ARG A 59 12.17 18.94 -7.24
CA ARG A 59 13.14 18.19 -8.03
C ARG A 59 14.35 17.85 -7.18
N ASP A 60 14.89 16.63 -7.35
CA ASP A 60 16.09 16.26 -6.63
C ASP A 60 17.04 15.56 -7.59
N ASN A 61 18.29 15.38 -7.13
CA ASN A 61 19.30 14.75 -7.96
C ASN A 61 19.71 13.38 -7.43
N GLY A 62 18.74 12.65 -6.85
CA GLY A 62 18.95 11.32 -6.33
C GLY A 62 18.96 10.24 -7.40
N ARG A 63 18.71 9.01 -6.98
CA ARG A 63 18.82 7.85 -7.86
C ARG A 63 17.69 7.77 -8.90
N GLY A 64 16.59 8.49 -8.67
CA GLY A 64 15.36 8.32 -9.41
C GLY A 64 14.51 7.21 -8.81
N ILE A 65 13.18 7.37 -8.84
CA ILE A 65 12.29 6.28 -8.45
C ILE A 65 12.58 5.05 -9.33
N PRO A 66 12.59 3.84 -8.78
CA PRO A 66 12.73 2.65 -9.63
C PRO A 66 11.60 2.57 -10.66
N VAL A 67 11.95 2.08 -11.85
CA VAL A 67 10.98 1.88 -12.91
C VAL A 67 10.45 0.45 -12.88
N ASP A 68 11.39 -0.50 -12.81
CA ASP A 68 11.08 -1.91 -12.59
C ASP A 68 9.98 -2.42 -13.52
N ILE A 69 10.19 -2.23 -14.81
CA ILE A 69 9.31 -2.78 -15.84
C ILE A 69 10.06 -3.91 -16.53
N HIS A 70 9.43 -5.08 -16.62
CA HIS A 70 10.06 -6.23 -17.26
C HIS A 70 9.07 -7.07 -18.07
N VAL A 75 2.52 -2.87 -14.62
CA VAL A 75 2.50 -1.57 -13.96
C VAL A 75 3.87 -1.29 -13.33
N SER A 76 4.40 -0.10 -13.61
CA SER A 76 5.71 0.32 -13.14
C SER A 76 5.71 0.55 -11.63
N ALA A 77 6.89 0.38 -11.02
CA ALA A 77 7.04 0.69 -9.61
C ALA A 77 6.64 2.13 -9.30
N ALA A 78 6.99 3.05 -10.20
CA ALA A 78 6.62 4.44 -10.00
C ALA A 78 5.12 4.62 -9.97
N GLU A 79 4.40 3.95 -10.87
CA GLU A 79 2.94 4.04 -10.83
C GLU A 79 2.40 3.51 -9.50
N VAL A 80 2.97 2.43 -8.97
CA VAL A 80 2.49 1.89 -7.69
C VAL A 80 2.60 2.93 -6.59
N ILE A 81 3.78 3.54 -6.44
CA ILE A 81 3.94 4.49 -5.33
C ILE A 81 3.11 5.75 -5.54
N MET A 82 2.86 6.15 -6.79
CA MET A 82 2.06 7.34 -7.00
C MET A 82 0.56 7.07 -6.88
N THR A 83 0.10 5.82 -6.91
CA THR A 83 -1.35 5.58 -6.98
C THR A 83 -1.93 4.68 -5.91
N VAL A 84 -1.12 4.02 -5.07
CA VAL A 84 -1.66 3.04 -4.14
C VAL A 84 -1.66 3.66 -2.76
N LEU A 85 -2.83 3.67 -2.12
CA LEU A 85 -2.99 4.26 -0.80
C LEU A 85 -2.57 3.29 0.30
N HIS A 86 -3.04 2.04 0.22
CA HIS A 86 -2.81 1.04 1.27
C HIS A 86 -1.68 0.08 0.86
N ALA A 87 -0.57 0.11 1.59
CA ALA A 87 0.56 -0.77 1.34
C ALA A 87 0.35 -2.19 1.84
N GLY A 88 -0.75 -2.45 2.53
CA GLY A 88 -1.04 -3.78 3.03
C GLY A 88 -0.85 -3.86 4.54
N GLY A 89 -1.65 -4.73 5.16
CA GLY A 89 -1.52 -4.99 6.59
C GLY A 89 -2.25 -4.00 7.46
N LYS A 90 -1.74 -3.79 8.67
CA LYS A 90 -2.39 -2.93 9.65
C LYS A 90 -2.36 -1.46 9.24
N HIS A 103 4.07 7.12 10.98
CA HIS A 103 3.11 8.08 10.45
C HIS A 103 3.62 8.73 9.17
N GLY A 104 2.70 9.06 8.28
CA GLY A 104 3.02 9.64 6.98
C GLY A 104 2.13 9.06 5.89
N VAL A 105 1.38 9.90 5.17
CA VAL A 105 0.34 9.39 4.29
C VAL A 105 0.85 8.98 2.92
N GLY A 106 1.85 9.67 2.39
CA GLY A 106 2.43 9.25 1.13
C GLY A 106 2.05 10.16 -0.04
N VAL A 107 2.87 10.06 -1.08
CA VAL A 107 2.70 10.86 -2.27
C VAL A 107 1.45 10.48 -3.05
N SER A 108 0.89 9.28 -2.83
CA SER A 108 -0.36 8.94 -3.50
C SER A 108 -1.49 9.87 -3.05
N VAL A 109 -1.43 10.34 -1.80
CA VAL A 109 -2.44 11.31 -1.35
C VAL A 109 -2.27 12.63 -2.07
N VAL A 110 -1.03 13.12 -2.23
CA VAL A 110 -0.79 14.33 -3.02
C VAL A 110 -1.32 14.17 -4.44
N ASN A 111 -1.08 13.00 -5.04
CA ASN A 111 -1.54 12.75 -6.40
C ASN A 111 -3.06 12.82 -6.46
N ALA A 112 -3.72 12.14 -5.52
CA ALA A 112 -5.19 12.12 -5.50
C ALA A 112 -5.76 13.53 -5.42
N LEU A 113 -5.07 14.44 -4.73
CA LEU A 113 -5.59 15.80 -4.50
C LEU A 113 -5.01 16.83 -5.44
N SER A 114 -4.35 16.40 -6.51
CA SER A 114 -3.86 17.29 -7.57
C SER A 114 -4.72 17.11 -8.80
N HIS A 115 -5.18 18.21 -9.40
CA HIS A 115 -5.95 18.00 -10.62
C HIS A 115 -5.06 17.54 -11.76
N GLU A 116 -3.75 17.79 -11.69
CA GLU A 116 -2.80 17.19 -12.63
C GLU A 116 -1.45 17.08 -11.95
N LEU A 117 -0.73 16.01 -12.25
CA LEU A 117 0.59 15.82 -11.68
C LEU A 117 1.44 15.17 -12.76
N ARG A 118 2.65 15.67 -12.94
CA ARG A 118 3.60 15.08 -13.88
C ARG A 118 4.82 14.60 -13.12
N LEU A 119 5.16 13.33 -13.31
CA LEU A 119 6.31 12.73 -12.66
C LEU A 119 7.36 12.48 -13.72
N THR A 120 8.58 12.96 -13.51
CA THR A 120 9.66 12.74 -14.47
C THR A 120 10.82 12.10 -13.73
N ILE A 121 11.31 10.96 -14.22
CA ILE A 121 12.39 10.25 -13.57
C ILE A 121 13.57 10.22 -14.54
N ARG A 122 14.75 10.58 -14.06
N ARG A 122 14.74 10.60 -14.03
CA ARG A 122 15.97 10.42 -14.82
CA ARG A 122 16.00 10.43 -14.74
C ARG A 122 16.77 9.30 -14.16
C ARG A 122 16.73 9.25 -14.11
N ARG A 123 16.97 8.21 -14.88
CA ARG A 123 17.58 7.03 -14.27
C ARG A 123 18.10 6.09 -15.33
N HIS A 124 19.33 5.61 -15.14
CA HIS A 124 19.89 4.58 -16.03
C HIS A 124 19.81 4.97 -17.50
N ASN A 125 20.18 6.22 -17.79
CA ASN A 125 20.34 6.78 -19.15
C ASN A 125 19.03 7.12 -19.82
N LYS A 126 17.90 7.08 -19.09
CA LYS A 126 16.62 7.33 -19.72
C LYS A 126 15.79 8.27 -18.87
N VAL A 127 14.91 8.98 -19.55
CA VAL A 127 13.94 9.87 -18.92
C VAL A 127 12.61 9.13 -19.01
N TRP A 128 11.97 8.93 -17.86
CA TRP A 128 10.65 8.31 -17.81
C TRP A 128 9.64 9.33 -17.29
N GLU A 129 8.44 9.28 -17.83
CA GLU A 129 7.44 10.22 -17.33
C GLU A 129 6.06 9.57 -17.24
N GLN A 130 5.25 10.07 -16.32
CA GLN A 130 3.85 9.68 -16.24
C GLN A 130 3.04 10.88 -15.81
N VAL A 131 1.85 11.03 -16.40
CA VAL A 131 0.94 12.13 -16.03
C VAL A 131 -0.32 11.52 -15.42
N TYR A 132 -0.86 12.20 -14.42
CA TYR A 132 -2.08 11.77 -13.72
C TYR A 132 -3.01 12.95 -13.60
N HIS A 133 -4.31 12.65 -13.46
CA HIS A 133 -5.33 13.65 -13.13
C HIS A 133 -6.15 13.09 -11.97
N HIS A 134 -6.17 13.83 -10.86
CA HIS A 134 -6.81 13.38 -9.65
C HIS A 134 -6.33 11.99 -9.23
N GLY A 135 -5.06 11.68 -9.52
CA GLY A 135 -4.49 10.41 -9.12
C GLY A 135 -4.68 9.28 -10.12
N VAL A 136 -5.35 9.53 -11.23
CA VAL A 136 -5.66 8.50 -12.24
C VAL A 136 -4.63 8.64 -13.35
N PRO A 137 -3.86 7.60 -13.67
CA PRO A 137 -2.87 7.73 -14.75
C PRO A 137 -3.54 8.06 -16.08
N GLN A 138 -2.96 9.03 -16.81
CA GLN A 138 -3.42 9.29 -18.17
C GLN A 138 -2.91 8.24 -19.14
N PHE A 139 -1.78 7.67 -18.85
CA PHE A 139 -1.10 6.67 -19.68
C PHE A 139 -0.03 6.01 -18.80
N PRO A 140 0.56 4.88 -19.23
CA PRO A 140 1.59 4.24 -18.42
C PRO A 140 2.87 5.06 -18.40
N LEU A 141 3.65 4.87 -17.33
CA LEU A 141 5.00 5.43 -17.29
C LEU A 141 5.72 5.01 -18.57
N ARG A 142 6.37 5.96 -19.24
CA ARG A 142 6.97 5.62 -20.53
C ARG A 142 8.28 6.37 -20.70
N GLU A 143 9.22 5.77 -21.45
CA GLU A 143 10.51 6.40 -21.69
C GLU A 143 10.40 7.44 -22.81
N VAL A 144 10.99 8.62 -22.59
CA VAL A 144 10.80 9.74 -23.52
C VAL A 144 12.11 10.36 -23.95
N GLY A 145 13.23 9.77 -23.60
CA GLY A 145 14.48 10.26 -24.13
C GLY A 145 15.66 9.81 -23.30
N GLU A 146 16.82 10.33 -23.68
CA GLU A 146 18.10 10.04 -23.03
C GLU A 146 18.43 11.13 -22.02
N THR A 147 19.17 10.78 -20.97
CA THR A 147 19.63 11.76 -19.99
C THR A 147 21.01 11.34 -19.52
N ASP A 148 21.78 12.31 -19.01
CA ASP A 148 23.07 12.05 -18.38
C ASP A 148 23.03 12.15 -16.86
N GLY A 149 21.89 12.52 -16.28
CA GLY A 149 21.76 12.65 -14.85
C GLY A 149 20.93 11.53 -14.24
N SER A 150 20.72 11.65 -12.94
CA SER A 150 19.66 10.89 -12.31
C SER A 150 18.93 11.77 -11.31
N GLY A 151 17.67 11.46 -11.08
CA GLY A 151 16.91 12.19 -10.09
C GLY A 151 15.43 12.09 -10.39
N THR A 152 14.65 12.77 -9.55
CA THR A 152 13.21 12.68 -9.65
C THR A 152 12.62 14.08 -9.62
N GLU A 153 11.59 14.32 -10.43
CA GLU A 153 10.90 15.60 -10.47
C GLU A 153 9.40 15.36 -10.41
N VAL A 154 8.71 16.08 -9.53
CA VAL A 154 7.26 15.96 -9.42
C VAL A 154 6.71 17.37 -9.56
N HIS A 155 5.84 17.58 -10.55
CA HIS A 155 5.16 18.85 -10.80
C HIS A 155 3.66 18.63 -10.59
N PHE A 156 3.11 19.20 -9.52
CA PHE A 156 1.72 18.93 -9.18
C PHE A 156 0.96 20.23 -9.05
N LYS A 157 -0.31 20.15 -9.42
CA LYS A 157 -1.25 21.26 -9.33
C LYS A 157 -2.35 20.91 -8.35
N PRO A 158 -2.32 21.45 -7.13
CA PRO A 158 -3.36 21.15 -6.14
C PRO A 158 -4.75 21.42 -6.70
N SER A 159 -5.65 20.52 -6.44
CA SER A 159 -7.01 20.66 -6.94
C SER A 159 -7.74 21.85 -6.31
N PRO A 160 -8.21 22.82 -7.09
CA PRO A 160 -8.99 23.92 -6.50
C PRO A 160 -10.36 23.46 -6.01
N GLU A 161 -10.81 22.29 -6.42
CA GLU A 161 -12.01 21.73 -5.82
C GLU A 161 -11.76 21.11 -4.46
N THR A 162 -10.50 20.89 -4.06
CA THR A 162 -10.15 20.44 -2.71
C THR A 162 -9.77 21.60 -1.80
N PHE A 163 -9.00 22.56 -2.30
CA PHE A 163 -8.48 23.65 -1.48
C PHE A 163 -9.13 24.95 -1.94
N SER A 164 -9.96 25.58 -1.07
CA SER A 164 -10.58 26.82 -1.48
C SER A 164 -9.56 27.93 -1.65
N ASN A 165 -8.50 27.92 -0.83
CA ASN A 165 -7.40 28.86 -0.96
C ASN A 165 -6.22 28.08 -1.52
N ILE A 166 -5.87 28.37 -2.77
CA ILE A 166 -4.83 27.64 -3.47
C ILE A 166 -3.46 28.29 -3.33
N HIS A 167 -3.32 29.36 -2.55
CA HIS A 167 -2.12 30.18 -2.56
C HIS A 167 -1.09 29.76 -1.52
N PHE A 168 0.13 29.51 -1.99
CA PHE A 168 1.20 29.13 -1.11
C PHE A 168 1.80 30.31 -0.38
N SER A 169 2.33 30.02 0.79
CA SER A 169 2.98 30.99 1.66
C SER A 169 4.48 30.78 1.63
N TRP A 170 5.23 31.77 1.12
CA TRP A 170 6.67 31.73 1.23
C TRP A 170 7.11 31.45 2.67
N ASP A 171 6.54 32.18 3.64
CA ASP A 171 7.02 32.05 5.02
C ASP A 171 6.82 30.63 5.55
N ILE A 172 5.68 30.02 5.24
CA ILE A 172 5.39 28.68 5.75
C ILE A 172 6.36 27.65 5.16
N LEU A 173 6.55 27.69 3.84
CA LEU A 173 7.50 26.78 3.22
C LEU A 173 8.90 27.02 3.76
N ALA A 174 9.31 28.29 3.82
CA ALA A 174 10.68 28.62 4.22
C ALA A 174 10.95 28.18 5.64
N LYS A 175 9.96 28.34 6.52
CA LYS A 175 10.16 27.92 7.92
C LYS A 175 10.45 26.43 7.99
N ARG A 176 9.68 25.62 7.27
CA ARG A 176 9.87 24.19 7.30
C ARG A 176 11.17 23.78 6.60
N ILE A 177 11.52 24.47 5.51
CA ILE A 177 12.76 24.10 4.82
C ILE A 177 13.97 24.38 5.68
N ARG A 178 13.92 25.42 6.50
CA ARG A 178 15.03 25.66 7.43
C ARG A 178 15.22 24.48 8.39
N GLU A 179 14.12 23.98 8.97
CA GLU A 179 14.19 22.81 9.83
C GLU A 179 14.80 21.63 9.09
N LEU A 180 14.35 21.39 7.86
CA LEU A 180 14.86 20.27 7.06
C LEU A 180 16.36 20.41 6.77
N SER A 181 16.80 21.65 6.54
N SER A 181 16.81 21.65 6.54
CA SER A 181 18.19 21.88 6.13
CA SER A 181 18.19 21.84 6.13
C SER A 181 19.17 21.39 7.20
C SER A 181 19.16 21.36 7.20
N PHE A 182 18.81 21.58 8.47
CA PHE A 182 19.68 21.15 9.57
C PHE A 182 19.87 19.64 9.60
N LEU A 183 18.91 18.86 9.10
CA LEU A 183 19.04 17.40 9.15
C LEU A 183 20.02 16.85 8.11
N ASN A 184 20.33 17.59 7.06
CA ASN A 184 21.26 17.13 6.02
C ASN A 184 22.32 18.17 5.72
N SER A 185 23.43 18.08 6.43
CA SER A 185 24.54 18.97 6.18
C SER A 185 25.00 18.80 4.73
N GLY A 186 25.30 19.91 4.08
CA GLY A 186 25.84 19.88 2.73
C GLY A 186 24.83 19.63 1.64
N VAL A 187 23.55 19.62 1.96
CA VAL A 187 22.48 19.36 0.98
C VAL A 187 21.77 20.68 0.79
N GLY A 188 21.86 21.23 -0.42
CA GLY A 188 21.22 22.49 -0.71
C GLY A 188 19.76 22.30 -1.04
N ILE A 189 18.91 23.08 -0.38
CA ILE A 189 17.48 23.11 -0.68
C ILE A 189 17.13 24.50 -1.17
N LEU A 190 16.82 24.61 -2.46
CA LEU A 190 16.52 25.90 -3.06
C LEU A 190 15.01 26.10 -3.08
N LEU A 191 14.55 27.24 -2.57
CA LEU A 191 13.14 27.63 -2.67
C LEU A 191 13.04 28.77 -3.68
N ARG A 192 12.29 28.54 -4.75
CA ARG A 192 12.18 29.50 -5.84
C ARG A 192 10.72 29.85 -6.00
N ASP A 193 10.38 31.12 -5.91
CA ASP A 193 9.00 31.54 -6.02
C ASP A 193 8.86 32.33 -7.32
N GLU A 194 8.34 31.68 -8.37
CA GLU A 194 8.20 32.39 -9.63
C GLU A 194 7.07 33.43 -9.60
N ARG A 195 6.22 33.41 -8.58
CA ARG A 195 5.20 34.44 -8.47
C ARG A 195 5.82 35.82 -8.22
N THR A 196 6.91 35.86 -7.45
CA THR A 196 7.53 37.09 -6.99
C THR A 196 8.95 37.31 -7.50
N GLY A 197 9.57 36.31 -8.13
CA GLY A 197 10.98 36.42 -8.49
C GLY A 197 11.96 36.14 -7.38
N LYS A 198 11.49 35.76 -6.19
CA LYS A 198 12.38 35.52 -5.06
C LYS A 198 12.93 34.10 -5.09
N GLU A 199 14.18 33.94 -4.67
CA GLU A 199 14.69 32.59 -4.45
C GLU A 199 15.67 32.63 -3.28
N GLU A 200 15.77 31.50 -2.58
CA GLU A 200 16.67 31.42 -1.43
C GLU A 200 17.22 30.00 -1.34
N LEU A 201 18.52 29.89 -1.16
CA LEU A 201 19.17 28.60 -0.98
C LEU A 201 19.32 28.37 0.51
N PHE A 202 18.81 27.24 0.99
CA PHE A 202 18.97 26.85 2.37
C PHE A 202 20.00 25.73 2.38
N LYS A 203 21.11 25.95 3.09
CA LYS A 203 22.19 25.00 3.07
C LYS A 203 22.87 25.09 4.42
N TYR A 204 22.88 23.98 5.12
CA TYR A 204 23.52 23.86 6.42
C TYR A 204 24.84 23.11 6.28
N GLU A 205 25.90 23.68 6.84
CA GLU A 205 27.22 23.05 6.82
C GLU A 205 27.57 22.59 8.24
N GLY A 206 27.73 21.29 8.42
CA GLY A 206 28.05 20.73 9.72
C GLY A 206 29.40 20.04 9.76
N GLY B 2 -22.97 -10.40 16.33
CA GLY B 2 -22.08 -11.53 16.13
C GLY B 2 -21.92 -11.86 14.66
N LEU B 3 -21.40 -13.04 14.37
CA LEU B 3 -21.21 -13.43 12.98
C LEU B 3 -22.53 -13.63 12.26
N ASP B 4 -23.62 -13.84 13.00
CA ASP B 4 -24.93 -13.97 12.37
C ASP B 4 -25.30 -12.71 11.60
N ALA B 5 -24.96 -11.53 12.15
CA ALA B 5 -25.27 -10.29 11.46
C ALA B 5 -24.52 -10.19 10.14
N VAL B 6 -23.27 -10.65 10.12
CA VAL B 6 -22.48 -10.66 8.89
C VAL B 6 -23.13 -11.59 7.88
N ARG B 7 -23.67 -12.73 8.34
CA ARG B 7 -24.20 -13.70 7.40
C ARG B 7 -25.52 -13.21 6.81
N LYS B 8 -26.33 -12.49 7.59
CA LYS B 8 -27.59 -11.98 7.04
C LYS B 8 -27.37 -10.84 6.05
N ARG B 9 -26.42 -9.95 6.32
CA ARG B 9 -26.15 -8.80 5.46
C ARG B 9 -24.67 -8.78 5.07
N PRO B 10 -24.24 -9.75 4.27
CA PRO B 10 -22.80 -9.85 3.95
C PRO B 10 -22.26 -8.66 3.20
N GLY B 11 -22.99 -8.16 2.20
CA GLY B 11 -22.45 -7.09 1.37
C GLY B 11 -22.04 -5.87 2.17
N MET B 12 -22.70 -5.65 3.31
CA MET B 12 -22.40 -4.53 4.17
C MET B 12 -20.99 -4.62 4.76
N TYR B 13 -20.45 -5.83 4.90
CA TYR B 13 -19.17 -6.03 5.55
C TYR B 13 -18.04 -6.32 4.57
N ILE B 14 -18.29 -7.17 3.56
CA ILE B 14 -17.22 -7.62 2.67
C ILE B 14 -17.22 -6.91 1.33
N GLY B 15 -18.29 -6.20 0.98
CA GLY B 15 -18.45 -5.61 -0.33
C GLY B 15 -19.46 -6.37 -1.17
N ASP B 16 -19.72 -5.83 -2.36
CA ASP B 16 -20.70 -6.42 -3.26
C ASP B 16 -20.42 -7.88 -3.50
N THR B 17 -21.40 -8.73 -3.19
CA THR B 17 -21.25 -10.18 -3.29
C THR B 17 -21.56 -10.73 -4.67
N ASP B 18 -21.96 -9.89 -5.64
CA ASP B 18 -22.33 -10.37 -6.96
C ASP B 18 -21.35 -9.99 -8.06
N ASP B 19 -20.56 -8.93 -7.90
CA ASP B 19 -19.72 -8.41 -8.97
C ASP B 19 -18.23 -8.68 -8.78
N GLY B 20 -17.85 -9.51 -7.80
CA GLY B 20 -16.46 -9.83 -7.56
C GLY B 20 -15.76 -8.95 -6.55
N THR B 21 -16.34 -7.81 -6.18
CA THR B 21 -15.67 -6.93 -5.23
C THR B 21 -15.48 -7.62 -3.89
N GLY B 22 -16.59 -8.11 -3.31
CA GLY B 22 -16.50 -8.80 -2.04
C GLY B 22 -15.64 -10.06 -2.13
N LEU B 23 -15.79 -10.82 -3.23
CA LEU B 23 -15.05 -12.08 -3.35
C LEU B 23 -13.55 -11.85 -3.24
N HIS B 24 -13.03 -10.84 -3.93
CA HIS B 24 -11.58 -10.62 -3.87
C HIS B 24 -11.15 -9.97 -2.57
N HIS B 25 -12.00 -9.14 -1.97
N HIS B 25 -12.01 -9.14 -1.98
CA HIS B 25 -11.74 -8.65 -0.63
CA HIS B 25 -11.77 -8.65 -0.63
C HIS B 25 -11.49 -9.79 0.34
C HIS B 25 -11.51 -9.78 0.34
N MET B 26 -12.20 -10.91 0.16
CA MET B 26 -12.00 -12.07 1.04
C MET B 26 -10.53 -12.50 1.05
N VAL B 27 -9.89 -12.53 -0.11
CA VAL B 27 -8.50 -12.95 -0.18
C VAL B 27 -7.60 -11.98 0.56
N PHE B 28 -7.73 -10.69 0.27
CA PHE B 28 -6.78 -9.74 0.82
C PHE B 28 -7.01 -9.43 2.30
N GLU B 29 -8.21 -9.64 2.84
CA GLU B 29 -8.33 -9.58 4.29
C GLU B 29 -7.44 -10.63 4.96
N VAL B 30 -7.38 -11.83 4.38
CA VAL B 30 -6.50 -12.86 4.91
C VAL B 30 -5.05 -12.47 4.71
N VAL B 31 -4.70 -12.07 3.47
CA VAL B 31 -3.33 -11.71 3.11
C VAL B 31 -2.79 -10.62 4.03
N ASP B 32 -3.65 -9.68 4.44
CA ASP B 32 -3.21 -8.57 5.28
C ASP B 32 -2.50 -9.03 6.54
N ASN B 33 -2.93 -10.17 7.11
CA ASN B 33 -2.25 -10.69 8.28
C ASN B 33 -0.84 -11.16 7.95
N SER B 34 -0.64 -11.72 6.77
CA SER B 34 0.70 -12.14 6.35
C SER B 34 1.58 -10.92 6.07
N ILE B 35 0.98 -9.85 5.54
CA ILE B 35 1.72 -8.59 5.37
C ILE B 35 2.13 -8.01 6.72
N ASP B 36 1.22 -8.03 7.71
CA ASP B 36 1.60 -7.59 9.06
C ASP B 36 2.80 -8.36 9.57
N GLU B 37 2.83 -9.66 9.28
CA GLU B 37 3.92 -10.50 9.76
C GLU B 37 5.21 -10.20 9.02
N ALA B 38 5.12 -9.78 7.76
CA ALA B 38 6.30 -9.34 7.03
C ALA B 38 6.80 -7.99 7.56
N LEU B 39 5.89 -7.06 7.82
CA LEU B 39 6.28 -5.78 8.42
C LEU B 39 6.91 -5.99 9.79
N ALA B 40 6.41 -6.96 10.55
CA ALA B 40 7.03 -7.29 11.82
C ALA B 40 8.40 -7.93 11.66
N GLY B 41 8.75 -8.38 10.46
CA GLY B 41 10.06 -8.93 10.18
C GLY B 41 10.17 -10.44 10.25
N TYR B 42 9.06 -11.16 10.32
CA TYR B 42 9.06 -12.60 10.51
C TYR B 42 8.60 -13.40 9.30
N CYS B 43 8.13 -12.75 8.25
CA CYS B 43 7.58 -13.45 7.09
C CYS B 43 8.27 -12.96 5.82
N SER B 44 8.82 -13.90 5.04
CA SER B 44 9.45 -13.58 3.77
C SER B 44 8.80 -14.23 2.56
N GLU B 45 7.84 -15.15 2.78
CA GLU B 45 7.17 -15.85 1.70
C GLU B 45 5.68 -15.94 1.99
N ILE B 46 4.88 -15.57 1.00
CA ILE B 46 3.43 -15.74 1.05
C ILE B 46 3.04 -16.41 -0.25
N SER B 47 2.12 -17.37 -0.18
CA SER B 47 1.56 -17.94 -1.39
C SER B 47 0.04 -17.81 -1.32
N ILE B 48 -0.55 -17.60 -2.49
CA ILE B 48 -1.98 -17.49 -2.67
C ILE B 48 -2.33 -18.46 -3.79
N THR B 49 -3.13 -19.47 -3.47
CA THR B 49 -3.47 -20.53 -4.42
C THR B 49 -4.97 -20.55 -4.67
N ILE B 50 -5.35 -20.49 -5.96
CA ILE B 50 -6.73 -20.68 -6.39
C ILE B 50 -6.91 -22.15 -6.73
N HIS B 51 -7.81 -22.83 -6.03
CA HIS B 51 -8.07 -24.23 -6.31
C HIS B 51 -9.16 -24.38 -7.36
N THR B 52 -9.28 -25.59 -7.93
CA THR B 52 -10.22 -25.79 -9.04
C THR B 52 -11.67 -25.64 -8.60
N ASP B 53 -11.95 -25.75 -7.31
CA ASP B 53 -13.29 -25.54 -6.77
C ASP B 53 -13.53 -24.09 -6.37
N GLU B 54 -12.67 -23.17 -6.81
CA GLU B 54 -12.72 -21.74 -6.51
C GLU B 54 -12.55 -21.44 -5.02
N SER B 55 -11.96 -22.35 -4.26
CA SER B 55 -11.52 -22.04 -2.91
C SER B 55 -10.10 -21.47 -2.97
N ILE B 56 -9.64 -20.91 -1.84
CA ILE B 56 -8.41 -20.14 -1.77
C ILE B 56 -7.56 -20.64 -0.60
N THR B 57 -6.26 -20.82 -0.83
CA THR B 57 -5.34 -21.05 0.29
C THR B 57 -4.33 -19.92 0.33
N VAL B 58 -4.22 -19.28 1.49
CA VAL B 58 -3.16 -18.32 1.77
C VAL B 58 -2.21 -18.95 2.80
N ARG B 59 -0.92 -18.99 2.47
CA ARG B 59 0.03 -19.60 3.40
C ARG B 59 1.25 -18.68 3.49
N ASP B 60 1.81 -18.55 4.69
CA ASP B 60 3.00 -17.73 4.87
C ASP B 60 4.03 -18.51 5.69
N ASN B 61 5.26 -17.96 5.75
CA ASN B 61 6.33 -18.60 6.49
C ASN B 61 6.72 -17.81 7.73
N GLY B 62 5.74 -17.14 8.35
CA GLY B 62 5.98 -16.40 9.58
C GLY B 62 6.04 -17.27 10.82
N ARG B 63 5.82 -16.64 11.98
CA ARG B 63 5.95 -17.34 13.26
C ARG B 63 4.84 -18.34 13.52
N GLY B 64 3.72 -18.23 12.80
CA GLY B 64 2.52 -18.94 13.18
C GLY B 64 1.74 -18.09 14.16
N ILE B 65 0.40 -18.12 14.06
CA ILE B 65 -0.46 -17.51 15.08
C ILE B 65 -0.04 -18.11 16.42
N PRO B 66 0.02 -17.34 17.51
CA PRO B 66 0.36 -17.93 18.82
C PRO B 66 -0.60 -19.04 19.21
N VAL B 67 -0.03 -20.09 19.77
CA VAL B 67 -0.76 -21.25 20.25
C VAL B 67 -0.93 -21.03 21.75
N ASP B 68 -2.00 -20.35 22.12
CA ASP B 68 -2.32 -20.21 23.53
C ASP B 68 -3.78 -19.81 23.64
N ILE B 69 -4.30 -19.89 24.86
CA ILE B 69 -5.70 -19.60 25.12
C ILE B 69 -5.82 -18.11 25.43
N HIS B 70 -6.69 -17.43 24.67
CA HIS B 70 -7.04 -16.04 24.96
C HIS B 70 -7.54 -15.90 26.39
N LYS B 71 -6.91 -15.00 27.15
CA LYS B 71 -7.13 -14.99 28.59
C LYS B 71 -8.53 -14.56 28.97
N GLU B 72 -9.22 -13.81 28.10
CA GLU B 72 -10.60 -13.42 28.37
C GLU B 72 -11.61 -14.34 27.72
N GLU B 73 -11.38 -14.75 26.48
CA GLU B 73 -12.38 -15.53 25.75
C GLU B 73 -12.38 -17.01 26.11
N GLY B 74 -11.28 -17.53 26.66
CA GLY B 74 -11.25 -18.92 27.07
C GLY B 74 -11.06 -19.92 25.96
N VAL B 75 -10.82 -19.49 24.73
CA VAL B 75 -10.47 -20.37 23.63
C VAL B 75 -9.20 -19.84 22.97
N SER B 76 -8.66 -20.64 22.05
CA SER B 76 -7.36 -20.30 21.48
C SER B 76 -7.41 -18.94 20.80
N ALA B 77 -6.25 -18.28 20.78
CA ALA B 77 -6.13 -17.00 20.10
C ALA B 77 -6.57 -17.10 18.65
N ALA B 78 -6.25 -18.21 18.00
CA ALA B 78 -6.66 -18.41 16.62
C ALA B 78 -8.17 -18.43 16.51
N GLU B 79 -8.84 -19.15 17.40
CA GLU B 79 -10.30 -19.19 17.36
C GLU B 79 -10.89 -17.80 17.54
N VAL B 80 -10.29 -17.00 18.43
CA VAL B 80 -10.80 -15.65 18.68
C VAL B 80 -10.76 -14.80 17.40
N ILE B 81 -9.61 -14.76 16.73
CA ILE B 81 -9.55 -13.91 15.55
C ILE B 81 -10.46 -14.44 14.44
N MET B 82 -10.72 -15.75 14.43
CA MET B 82 -11.62 -16.32 13.44
C MET B 82 -13.10 -16.19 13.77
N THR B 83 -13.46 -15.92 15.03
CA THR B 83 -14.87 -15.97 15.41
C THR B 83 -15.39 -14.72 16.12
N VAL B 84 -14.52 -13.77 16.50
CA VAL B 84 -14.94 -12.59 17.26
C VAL B 84 -14.85 -11.38 16.35
N LEU B 85 -15.95 -10.66 16.21
CA LEU B 85 -15.98 -9.52 15.30
C LEU B 85 -15.38 -8.28 15.97
N GLY B 104 -9.17 -3.20 7.58
CA GLY B 104 -10.32 -3.93 7.08
C GLY B 104 -11.16 -4.61 8.14
N VAL B 105 -12.03 -5.52 7.71
CA VAL B 105 -13.04 -6.12 8.59
C VAL B 105 -12.48 -7.29 9.37
N GLY B 106 -11.49 -7.99 8.82
CA GLY B 106 -10.88 -9.05 9.59
C GLY B 106 -11.28 -10.43 9.08
N VAL B 107 -10.48 -11.42 9.48
CA VAL B 107 -10.69 -12.79 9.02
C VAL B 107 -11.94 -13.42 9.61
N SER B 108 -12.48 -12.89 10.71
CA SER B 108 -13.74 -13.44 11.20
C SER B 108 -14.85 -13.24 10.19
N VAL B 109 -14.81 -12.16 9.41
CA VAL B 109 -15.80 -11.95 8.36
C VAL B 109 -15.59 -12.94 7.21
N VAL B 110 -14.33 -13.12 6.80
CA VAL B 110 -14.01 -14.14 5.80
C VAL B 110 -14.53 -15.50 6.26
N ASN B 111 -14.26 -15.84 7.51
CA ASN B 111 -14.70 -17.12 8.07
C ASN B 111 -16.22 -17.24 8.06
N ALA B 112 -16.92 -16.21 8.53
CA ALA B 112 -18.38 -16.25 8.57
C ALA B 112 -18.97 -16.47 7.18
N LEU B 113 -18.31 -15.96 6.14
CA LEU B 113 -18.83 -16.00 4.78
C LEU B 113 -18.20 -17.12 3.95
N SER B 114 -17.52 -18.06 4.59
CA SER B 114 -16.98 -19.26 3.95
C SER B 114 -17.81 -20.44 4.41
N HIS B 115 -18.23 -21.30 3.48
CA HIS B 115 -18.98 -22.46 3.96
C HIS B 115 -18.07 -23.45 4.69
N GLU B 116 -16.76 -23.39 4.43
CA GLU B 116 -15.77 -24.12 5.22
C GLU B 116 -14.46 -23.34 5.18
N LEU B 117 -13.74 -23.35 6.30
CA LEU B 117 -12.43 -22.71 6.38
C LEU B 117 -11.54 -23.59 7.25
N ARG B 118 -10.32 -23.89 6.80
CA ARG B 118 -9.40 -24.69 7.58
C ARG B 118 -8.17 -23.85 7.90
N LEU B 119 -7.84 -23.77 9.19
CA LEU B 119 -6.70 -23.01 9.66
C LEU B 119 -5.64 -23.98 10.17
N THR B 120 -4.42 -23.81 9.71
CA THR B 120 -3.31 -24.67 10.12
C THR B 120 -2.18 -23.77 10.60
N ILE B 121 -1.65 -24.07 11.79
CA ILE B 121 -0.55 -23.33 12.38
C ILE B 121 0.64 -24.27 12.49
N ARG B 122 1.80 -23.82 12.02
CA ARG B 122 3.07 -24.54 12.15
C ARG B 122 3.99 -23.71 13.01
N ARG B 123 4.43 -24.27 14.14
CA ARG B 123 5.08 -23.52 15.22
C ARG B 123 5.62 -24.52 16.24
N HIS B 124 6.79 -24.22 16.80
CA HIS B 124 7.43 -25.06 17.81
C HIS B 124 7.60 -26.48 17.29
N ASN B 125 7.82 -26.63 15.97
CA ASN B 125 8.03 -27.91 15.30
C ASN B 125 6.77 -28.77 15.28
N LYS B 126 5.61 -28.17 15.54
CA LYS B 126 4.36 -28.88 15.71
C LYS B 126 3.30 -28.21 14.84
N VAL B 127 2.25 -28.98 14.51
CA VAL B 127 1.16 -28.54 13.66
C VAL B 127 -0.14 -28.56 14.45
N TRP B 128 -0.89 -27.46 14.39
CA TRP B 128 -2.24 -27.40 14.96
C TRP B 128 -3.24 -27.06 13.85
N GLU B 129 -4.49 -27.50 14.04
CA GLU B 129 -5.49 -27.17 13.05
C GLU B 129 -6.85 -26.93 13.70
N GLN B 130 -7.65 -26.09 13.05
CA GLN B 130 -9.04 -25.91 13.41
C GLN B 130 -9.85 -25.75 12.14
N VAL B 131 -11.04 -26.35 12.13
CA VAL B 131 -11.97 -26.31 10.99
C VAL B 131 -13.22 -25.56 11.42
N TYR B 132 -13.78 -24.77 10.51
CA TYR B 132 -15.01 -24.04 10.75
C TYR B 132 -15.97 -24.28 9.60
N HIS B 133 -17.26 -24.18 9.88
CA HIS B 133 -18.31 -24.19 8.86
C HIS B 133 -19.19 -22.99 9.11
N HIS B 134 -19.24 -22.09 8.12
CA HIS B 134 -19.96 -20.82 8.27
C HIS B 134 -19.51 -20.06 9.52
N GLY B 135 -18.24 -20.21 9.88
CA GLY B 135 -17.69 -19.51 11.02
C GLY B 135 -17.83 -20.22 12.35
N VAL B 136 -18.42 -21.41 12.37
CA VAL B 136 -18.64 -22.16 13.61
C VAL B 136 -17.53 -23.19 13.75
N PRO B 137 -16.73 -23.15 14.81
CA PRO B 137 -15.67 -24.14 14.98
C PRO B 137 -16.25 -25.55 15.09
N GLN B 138 -15.58 -26.50 14.45
CA GLN B 138 -16.00 -27.89 14.57
C GLN B 138 -15.44 -28.54 15.84
N PHE B 139 -14.22 -28.21 16.21
CA PHE B 139 -13.57 -28.70 17.42
C PHE B 139 -12.57 -27.64 17.87
N PRO B 140 -12.13 -27.69 19.13
CA PRO B 140 -11.08 -26.75 19.56
C PRO B 140 -9.80 -26.93 18.73
N LEU B 141 -9.04 -25.85 18.62
CA LEU B 141 -7.72 -25.93 18.00
C LEU B 141 -6.92 -27.07 18.64
N ARG B 142 -6.34 -27.94 17.81
CA ARG B 142 -5.75 -29.16 18.35
C ARG B 142 -4.48 -29.52 17.59
N GLU B 143 -3.55 -30.17 18.31
CA GLU B 143 -2.28 -30.60 17.75
C GLU B 143 -2.50 -31.84 16.90
N VAL B 144 -1.99 -31.81 15.66
CA VAL B 144 -2.24 -32.89 14.71
C VAL B 144 -0.98 -33.40 14.03
N GLY B 145 0.19 -32.87 14.34
CA GLY B 145 1.38 -33.45 13.74
C GLY B 145 2.61 -32.58 13.92
N GLU B 146 3.63 -32.91 13.14
CA GLU B 146 4.96 -32.36 13.29
C GLU B 146 5.45 -31.79 11.97
N THR B 147 6.40 -30.87 12.06
CA THR B 147 6.83 -30.15 10.87
C THR B 147 8.21 -29.56 11.10
N ASP B 148 8.87 -29.22 9.99
CA ASP B 148 10.15 -28.52 10.02
C ASP B 148 10.01 -27.03 9.79
N GLY B 149 8.82 -26.54 9.42
CA GLY B 149 8.62 -25.14 9.10
C GLY B 149 7.81 -24.42 10.16
N SER B 150 7.60 -23.13 9.91
CA SER B 150 6.71 -22.33 10.71
C SER B 150 5.89 -21.44 9.79
N GLY B 151 4.69 -21.12 10.22
CA GLY B 151 3.85 -20.23 9.45
C GLY B 151 2.39 -20.54 9.69
N THR B 152 1.55 -19.83 8.95
CA THR B 152 0.11 -19.94 9.08
C THR B 152 -0.50 -20.20 7.71
N GLU B 153 -1.50 -21.09 7.68
CA GLU B 153 -2.17 -21.45 6.43
C GLU B 153 -3.66 -21.34 6.63
N VAL B 154 -4.35 -20.68 5.70
CA VAL B 154 -5.80 -20.54 5.76
C VAL B 154 -6.37 -20.99 4.42
N HIS B 155 -7.23 -22.02 4.44
CA HIS B 155 -7.90 -22.54 3.25
C HIS B 155 -9.39 -22.29 3.43
N PHE B 156 -9.97 -21.39 2.63
CA PHE B 156 -11.38 -21.05 2.79
C PHE B 156 -12.13 -21.25 1.48
N LYS B 157 -13.38 -21.67 1.62
CA LYS B 157 -14.28 -21.88 0.48
C LYS B 157 -15.43 -20.89 0.59
N PRO B 158 -15.44 -19.84 -0.23
CA PRO B 158 -16.54 -18.86 -0.16
C PRO B 158 -17.90 -19.54 -0.26
N SER B 159 -18.82 -19.12 0.60
CA SER B 159 -20.15 -19.71 0.61
C SER B 159 -20.93 -19.33 -0.64
N PRO B 160 -21.42 -20.30 -1.42
CA PRO B 160 -22.26 -19.94 -2.58
C PRO B 160 -23.59 -19.35 -2.19
N GLU B 161 -24.01 -19.54 -0.93
CA GLU B 161 -25.23 -18.91 -0.45
C GLU B 161 -25.02 -17.42 -0.22
N THR B 162 -23.78 -16.96 -0.15
CA THR B 162 -23.44 -15.55 0.00
C THR B 162 -23.05 -14.87 -1.30
N PHE B 163 -22.20 -15.51 -2.11
CA PHE B 163 -21.64 -14.90 -3.32
C PHE B 163 -22.19 -15.57 -4.57
N SER B 164 -22.76 -14.77 -5.47
CA SER B 164 -23.06 -15.27 -6.81
C SER B 164 -21.80 -15.20 -7.68
N ASN B 165 -21.80 -15.96 -8.77
CA ASN B 165 -20.71 -15.98 -9.74
C ASN B 165 -19.35 -16.05 -9.03
N ILE B 166 -19.05 -17.25 -8.52
CA ILE B 166 -17.86 -17.44 -7.70
C ILE B 166 -16.76 -17.87 -8.64
N HIS B 167 -16.02 -16.87 -9.15
CA HIS B 167 -14.89 -17.11 -10.03
C HIS B 167 -13.84 -16.06 -9.74
N PHE B 168 -12.66 -16.47 -9.34
CA PHE B 168 -11.60 -15.52 -9.05
C PHE B 168 -10.94 -15.06 -10.36
N SER B 169 -10.46 -13.82 -10.35
CA SER B 169 -9.83 -13.19 -11.50
C SER B 169 -8.33 -13.17 -11.28
N TRP B 170 -7.59 -13.88 -12.13
CA TRP B 170 -6.14 -13.78 -12.11
C TRP B 170 -5.68 -12.32 -12.12
N ASP B 171 -6.24 -11.52 -13.04
CA ASP B 171 -5.76 -10.16 -13.24
C ASP B 171 -5.93 -9.30 -12.00
N ILE B 172 -7.09 -9.40 -11.33
CA ILE B 172 -7.34 -8.58 -10.15
C ILE B 172 -6.40 -8.96 -9.03
N LEU B 173 -6.26 -10.27 -8.76
CA LEU B 173 -5.32 -10.72 -7.75
C LEU B 173 -3.90 -10.31 -8.11
N ALA B 174 -3.49 -10.53 -9.37
CA ALA B 174 -2.12 -10.22 -9.73
C ALA B 174 -1.84 -8.73 -9.62
N LYS B 175 -2.79 -7.88 -10.01
CA LYS B 175 -2.55 -6.44 -9.88
C LYS B 175 -2.31 -6.05 -8.42
N ARG B 176 -3.12 -6.55 -7.50
CA ARG B 176 -2.93 -6.16 -6.10
C ARG B 176 -1.67 -6.79 -5.52
N ILE B 177 -1.37 -8.02 -5.91
CA ILE B 177 -0.17 -8.68 -5.40
C ILE B 177 1.09 -7.98 -5.89
N ARG B 178 1.08 -7.45 -7.12
CA ARG B 178 2.19 -6.60 -7.57
C ARG B 178 2.37 -5.41 -6.64
N GLU B 179 1.28 -4.75 -6.26
CA GLU B 179 1.39 -3.59 -5.37
C GLU B 179 1.93 -3.99 -4.00
N LEU B 180 1.40 -5.08 -3.43
CA LEU B 180 1.84 -5.51 -2.09
C LEU B 180 3.31 -5.89 -2.10
N SER B 181 3.74 -6.62 -3.13
CA SER B 181 5.11 -7.10 -3.17
C SER B 181 6.09 -5.95 -3.33
N PHE B 182 5.76 -4.96 -4.15
CA PHE B 182 6.72 -3.88 -4.31
C PHE B 182 6.78 -3.01 -3.06
N LEU B 183 5.64 -2.77 -2.42
CA LEU B 183 5.58 -1.93 -1.23
C LEU B 183 6.10 -2.63 0.02
N ASN B 184 6.30 -3.95 -0.02
CA ASN B 184 6.85 -4.70 1.12
C ASN B 184 8.06 -5.43 0.53
N SER B 185 9.14 -4.69 0.32
CA SER B 185 10.30 -5.24 -0.37
C SER B 185 10.85 -6.45 0.39
N GLY B 186 11.34 -7.43 -0.36
CA GLY B 186 11.89 -8.64 0.22
C GLY B 186 10.87 -9.69 0.60
N VAL B 187 9.61 -9.51 0.23
CA VAL B 187 8.58 -10.51 0.46
C VAL B 187 8.17 -11.06 -0.90
N GLY B 188 8.43 -12.35 -1.11
CA GLY B 188 7.97 -13.00 -2.33
C GLY B 188 6.53 -13.46 -2.13
N ILE B 189 5.65 -13.07 -3.04
CA ILE B 189 4.24 -13.48 -3.02
C ILE B 189 3.99 -14.31 -4.27
N LEU B 190 3.72 -15.60 -4.09
CA LEU B 190 3.50 -16.51 -5.20
C LEU B 190 2.00 -16.62 -5.45
N LEU B 191 1.57 -16.34 -6.68
CA LEU B 191 0.18 -16.56 -7.07
C LEU B 191 0.15 -17.83 -7.92
N ARG B 192 -0.61 -18.82 -7.47
CA ARG B 192 -0.71 -20.11 -8.16
C ARG B 192 -2.17 -20.36 -8.49
N ASP B 193 -2.47 -20.55 -9.78
CA ASP B 193 -3.84 -20.80 -10.23
C ASP B 193 -3.95 -22.26 -10.67
N GLU B 194 -4.49 -23.12 -9.80
CA GLU B 194 -4.64 -24.52 -10.18
C GLU B 194 -5.70 -24.72 -11.24
N ARG B 195 -6.56 -23.73 -11.47
CA ARG B 195 -7.54 -23.87 -12.56
C ARG B 195 -6.87 -23.90 -13.92
N THR B 196 -5.77 -23.17 -14.09
CA THR B 196 -5.12 -22.99 -15.38
C THR B 196 -3.71 -23.52 -15.43
N GLY B 197 -3.14 -23.90 -14.29
CA GLY B 197 -1.74 -24.29 -14.24
C GLY B 197 -0.77 -23.14 -14.23
N LYS B 198 -1.25 -21.90 -14.18
CA LYS B 198 -0.36 -20.75 -14.20
C LYS B 198 0.12 -20.45 -12.79
N GLU B 199 1.39 -20.04 -12.67
CA GLU B 199 1.87 -19.51 -11.40
C GLU B 199 2.89 -18.41 -11.67
N GLU B 200 2.96 -17.45 -10.75
CA GLU B 200 3.86 -16.33 -10.92
C GLU B 200 4.33 -15.79 -9.57
N LEU B 201 5.62 -15.56 -9.44
CA LEU B 201 6.22 -15.00 -8.24
C LEU B 201 6.37 -13.49 -8.38
N PHE B 202 5.82 -12.75 -7.42
CA PHE B 202 5.97 -11.30 -7.39
C PHE B 202 6.91 -10.97 -6.24
N LYS B 203 8.07 -10.37 -6.57
CA LYS B 203 9.09 -10.09 -5.56
C LYS B 203 9.95 -8.93 -6.03
N TYR B 204 10.06 -7.89 -5.19
CA TYR B 204 11.00 -6.81 -5.45
C TYR B 204 12.06 -6.87 -4.36
N GLU B 205 13.33 -6.82 -4.76
CA GLU B 205 14.44 -6.80 -3.81
C GLU B 205 15.07 -5.42 -3.84
N GLY B 206 15.04 -4.72 -2.72
CA GLY B 206 15.58 -3.38 -2.62
C GLY B 206 16.75 -3.28 -1.65
#